data_1ZS5
#
_entry.id   1ZS5
#
loop_
_entity.id
_entity.type
_entity.pdbx_description
1 polymer 'Histone acetyltransferase PCAF'
2 non-polymer (3E)-4-(1-METHYL-1H-INDOL-3-YL)BUT-3-EN-2-ONE
#
_entity_poly.entity_id   1
_entity_poly.type   'polypeptide(L)'
_entity_poly.pdbx_seq_one_letter_code
;GSHMSKEPRDPDQLYSTLKSILQQVKSHQSAWPFMEPVKRTEAPGYYEVIRFPMDLKTMSERLKNRYYVSKKLFMADLQR
VFTNCKEYNPPESEYYKCANILEKFFFSKIKEAGLIDK
;
_entity_poly.pdbx_strand_id   A
#
loop_
_chem_comp.id
_chem_comp.type
_chem_comp.name
_chem_comp.formula
MIB non-polymer (3E)-4-(1-METHYL-1H-INDOL-3-YL)BUT-3-EN-2-ONE 'C13 H13 N O'
#
# COMPACT_ATOMS: atom_id res chain seq x y z
N GLY A 1 4.99 18.09 25.95
CA GLY A 1 4.78 17.09 27.03
C GLY A 1 5.69 15.88 26.78
N SER A 2 5.12 14.79 26.34
CA SER A 2 5.97 13.58 26.08
C SER A 2 5.97 13.25 24.59
N HIS A 3 6.53 12.13 24.22
CA HIS A 3 6.58 11.75 22.78
C HIS A 3 5.79 10.46 22.56
N MET A 4 4.77 10.52 21.75
CA MET A 4 3.96 9.30 21.48
C MET A 4 3.96 8.96 19.99
N SER A 5 4.07 9.95 19.15
CA SER A 5 4.08 9.69 17.68
C SER A 5 2.87 8.85 17.29
N LYS A 6 1.75 9.47 17.06
CA LYS A 6 0.53 8.71 16.67
C LYS A 6 -0.50 9.64 16.02
N GLU A 7 -0.06 10.72 15.44
CA GLU A 7 -1.02 11.66 14.81
C GLU A 7 -0.34 12.42 13.65
N PRO A 8 -0.92 12.35 12.48
CA PRO A 8 -0.34 13.05 11.31
C PRO A 8 -0.27 14.55 11.57
N ARG A 9 0.23 15.31 10.63
CA ARG A 9 0.33 16.79 10.82
C ARG A 9 -0.22 17.54 9.60
N ASP A 10 -1.45 17.97 9.68
CA ASP A 10 -2.07 18.72 8.53
C ASP A 10 -2.04 17.86 7.26
N PRO A 11 -2.91 18.20 6.34
CA PRO A 11 -3.00 17.44 5.07
C PRO A 11 -1.78 17.71 4.20
N ASP A 12 -1.13 18.83 4.40
CA ASP A 12 0.08 19.14 3.58
C ASP A 12 1.18 18.11 3.83
N GLN A 13 1.67 18.05 5.03
CA GLN A 13 2.75 17.06 5.34
C GLN A 13 2.25 15.64 5.04
N LEU A 14 1.11 15.28 5.53
CA LEU A 14 0.57 13.92 5.28
C LEU A 14 0.54 13.64 3.77
N TYR A 15 0.17 14.61 2.98
CA TYR A 15 0.12 14.38 1.50
C TYR A 15 1.46 13.82 1.01
N SER A 16 2.50 14.61 1.05
CA SER A 16 3.82 14.11 0.57
C SER A 16 4.25 12.90 1.39
N THR A 17 3.89 12.84 2.65
CA THR A 17 4.27 11.67 3.48
C THR A 17 3.81 10.38 2.79
N LEU A 18 2.56 10.31 2.40
CA LEU A 18 2.07 9.11 1.67
C LEU A 18 2.87 8.97 0.38
N LYS A 19 3.18 10.09 -0.24
CA LYS A 19 3.98 10.05 -1.51
C LYS A 19 5.38 9.50 -1.22
N SER A 20 5.89 9.74 -0.05
CA SER A 20 7.24 9.19 0.29
C SER A 20 7.11 7.71 0.60
N ILE A 21 6.12 7.34 1.38
CA ILE A 21 5.92 5.90 1.70
C ILE A 21 5.78 5.10 0.40
N LEU A 22 5.02 5.61 -0.54
CA LEU A 22 4.87 4.90 -1.83
C LEU A 22 6.22 4.87 -2.56
N GLN A 23 6.94 5.96 -2.50
CA GLN A 23 8.27 5.99 -3.16
C GLN A 23 9.14 4.85 -2.64
N GLN A 24 9.09 4.60 -1.36
CA GLN A 24 9.90 3.49 -0.77
C GLN A 24 9.19 2.15 -1.01
N VAL A 25 7.97 2.03 -0.57
CA VAL A 25 7.21 0.76 -0.78
C VAL A 25 7.30 0.32 -2.24
N LYS A 26 7.04 1.21 -3.15
CA LYS A 26 7.11 0.84 -4.59
C LYS A 26 8.55 0.54 -5.01
N SER A 27 9.47 1.37 -4.63
CA SER A 27 10.90 1.14 -5.01
C SER A 27 11.42 -0.14 -4.34
N HIS A 28 10.77 -0.58 -3.29
CA HIS A 28 11.24 -1.81 -2.59
C HIS A 28 11.17 -3.03 -3.52
N GLN A 29 12.19 -3.84 -3.55
CA GLN A 29 12.20 -5.04 -4.43
C GLN A 29 10.90 -5.83 -4.25
N SER A 30 10.33 -5.80 -3.08
CA SER A 30 9.09 -6.57 -2.83
C SER A 30 7.85 -5.75 -3.19
N ALA A 31 7.87 -5.11 -4.32
CA ALA A 31 6.68 -4.29 -4.73
C ALA A 31 6.30 -4.57 -6.19
N TRP A 32 7.03 -5.42 -6.87
CA TRP A 32 6.67 -5.70 -8.31
C TRP A 32 5.24 -6.24 -8.49
N PRO A 33 4.67 -6.91 -7.49
CA PRO A 33 3.30 -7.41 -7.67
C PRO A 33 2.29 -6.25 -7.62
N PHE A 34 2.74 -5.05 -7.35
CA PHE A 34 1.80 -3.89 -7.29
C PHE A 34 2.34 -2.74 -8.13
N MET A 35 3.63 -2.53 -8.09
CA MET A 35 4.25 -1.41 -8.85
C MET A 35 3.76 -1.43 -10.33
N GLU A 36 4.06 -2.49 -11.05
CA GLU A 36 3.61 -2.54 -12.47
C GLU A 36 2.16 -3.02 -12.55
N PRO A 37 1.53 -2.71 -13.65
CA PRO A 37 0.11 -3.10 -13.85
C PRO A 37 0.00 -4.61 -14.09
N VAL A 38 -1.11 -5.19 -13.72
CA VAL A 38 -1.28 -6.66 -13.92
C VAL A 38 -2.28 -6.92 -15.04
N LYS A 39 -2.18 -8.06 -15.68
CA LYS A 39 -3.12 -8.38 -16.78
C LYS A 39 -4.54 -8.51 -16.25
N ARG A 40 -5.37 -9.27 -16.92
CA ARG A 40 -6.77 -9.44 -16.44
C ARG A 40 -6.97 -10.86 -15.90
N THR A 41 -6.36 -11.83 -16.52
CA THR A 41 -6.49 -13.23 -16.03
C THR A 41 -5.11 -13.82 -15.71
N GLU A 42 -4.13 -12.98 -15.52
CA GLU A 42 -2.77 -13.51 -15.22
C GLU A 42 -2.69 -13.93 -13.75
N ALA A 43 -3.58 -13.45 -12.93
CA ALA A 43 -3.55 -13.83 -11.49
C ALA A 43 -4.38 -15.10 -11.27
N PRO A 44 -3.79 -16.08 -10.62
CA PRO A 44 -4.51 -17.35 -10.35
C PRO A 44 -5.71 -17.11 -9.45
N GLY A 45 -6.82 -16.71 -10.01
CA GLY A 45 -8.03 -16.47 -9.17
C GLY A 45 -8.21 -14.97 -8.94
N TYR A 46 -8.65 -14.25 -9.94
CA TYR A 46 -8.85 -12.78 -9.76
C TYR A 46 -10.26 -12.39 -10.21
N TYR A 47 -10.67 -11.16 -9.96
CA TYR A 47 -12.04 -10.70 -10.35
C TYR A 47 -13.12 -11.38 -9.50
N GLU A 48 -13.14 -12.69 -9.46
CA GLU A 48 -14.18 -13.39 -8.66
C GLU A 48 -13.69 -13.60 -7.22
N VAL A 49 -13.11 -12.59 -6.64
CA VAL A 49 -12.60 -12.73 -5.25
C VAL A 49 -12.13 -11.36 -4.73
N ILE A 50 -11.44 -10.61 -5.55
CA ILE A 50 -10.99 -9.27 -5.11
C ILE A 50 -12.10 -8.24 -5.31
N ARG A 51 -12.82 -7.92 -4.27
CA ARG A 51 -13.93 -6.93 -4.40
C ARG A 51 -13.41 -5.62 -5.01
N PHE A 52 -12.23 -5.22 -4.65
CA PHE A 52 -11.69 -3.93 -5.19
C PHE A 52 -10.21 -4.08 -5.58
N PRO A 53 -9.99 -4.58 -6.78
CA PRO A 53 -8.59 -4.76 -7.26
C PRO A 53 -7.80 -3.46 -7.10
N MET A 54 -6.59 -3.54 -6.61
CA MET A 54 -5.79 -2.30 -6.43
C MET A 54 -4.29 -2.59 -6.58
N ASP A 55 -3.52 -1.62 -6.95
CA ASP A 55 -2.05 -1.83 -7.11
C ASP A 55 -1.30 -0.53 -6.86
N LEU A 56 0.00 -0.60 -6.76
CA LEU A 56 0.79 0.65 -6.52
C LEU A 56 0.83 1.52 -7.77
N LYS A 57 0.66 0.92 -8.93
CA LYS A 57 0.68 1.71 -10.19
C LYS A 57 -0.47 2.71 -10.20
N THR A 58 -1.49 2.47 -9.44
CA THR A 58 -2.65 3.40 -9.41
C THR A 58 -2.49 4.44 -8.31
N MET A 59 -2.01 4.04 -7.17
CA MET A 59 -1.83 5.01 -6.05
C MET A 59 -0.92 6.16 -6.48
N SER A 60 0.31 5.85 -6.82
CA SER A 60 1.24 6.93 -7.26
C SER A 60 0.61 7.77 -8.36
N GLU A 61 -0.24 7.18 -9.16
CA GLU A 61 -0.90 7.96 -10.25
C GLU A 61 -1.76 9.08 -9.66
N ARG A 62 -2.66 8.75 -8.77
CA ARG A 62 -3.52 9.80 -8.16
C ARG A 62 -2.73 10.58 -7.11
N LEU A 63 -2.05 9.90 -6.23
CA LEU A 63 -1.24 10.60 -5.19
C LEU A 63 -0.32 11.64 -5.85
N LYS A 64 0.13 11.36 -7.05
CA LYS A 64 1.00 12.35 -7.75
C LYS A 64 0.29 13.70 -7.83
N ASN A 65 -0.81 13.76 -8.54
CA ASN A 65 -1.54 15.05 -8.66
C ASN A 65 -2.18 15.44 -7.32
N ARG A 66 -3.23 14.77 -6.92
CA ARG A 66 -3.88 15.11 -5.63
C ARG A 66 -5.05 14.15 -5.34
N TYR A 67 -4.84 13.19 -4.49
CA TYR A 67 -5.95 12.24 -4.15
C TYR A 67 -5.71 11.60 -2.78
N TYR A 68 -4.68 10.81 -2.65
CA TYR A 68 -4.42 10.14 -1.34
C TYR A 68 -3.83 11.15 -0.34
N VAL A 69 -4.60 12.13 0.04
CA VAL A 69 -4.10 13.12 1.02
C VAL A 69 -4.57 12.75 2.43
N SER A 70 -5.47 11.81 2.55
CA SER A 70 -5.97 11.41 3.89
C SER A 70 -5.15 10.24 4.45
N LYS A 71 -5.32 9.94 5.71
CA LYS A 71 -4.56 8.81 6.31
C LYS A 71 -5.30 7.49 6.09
N LYS A 72 -6.60 7.50 6.23
CA LYS A 72 -7.38 6.25 6.02
C LYS A 72 -7.49 5.91 4.54
N LEU A 73 -7.69 6.91 3.71
CA LEU A 73 -7.80 6.64 2.24
C LEU A 73 -6.54 5.91 1.75
N PHE A 74 -5.40 6.49 1.96
CA PHE A 74 -4.13 5.84 1.52
C PHE A 74 -3.97 4.47 2.20
N MET A 75 -4.07 4.44 3.50
CA MET A 75 -3.91 3.14 4.22
C MET A 75 -4.88 2.10 3.67
N ALA A 76 -6.12 2.46 3.48
CA ALA A 76 -7.10 1.48 2.95
C ALA A 76 -6.59 0.87 1.64
N ASP A 77 -6.36 1.66 0.64
CA ASP A 77 -5.86 1.12 -0.65
C ASP A 77 -4.56 0.34 -0.44
N LEU A 78 -3.54 1.00 0.04
CA LEU A 78 -2.23 0.31 0.28
C LEU A 78 -2.45 -1.02 1.01
N GLN A 79 -3.16 -0.98 2.11
CA GLN A 79 -3.45 -2.24 2.84
C GLN A 79 -4.22 -3.19 1.92
N ARG A 80 -5.01 -2.65 1.03
CA ARG A 80 -5.75 -3.51 0.08
C ARG A 80 -4.76 -4.19 -0.87
N VAL A 81 -3.66 -3.54 -1.15
CA VAL A 81 -2.64 -4.16 -2.05
C VAL A 81 -2.04 -5.39 -1.39
N PHE A 82 -1.48 -5.22 -0.22
CA PHE A 82 -0.86 -6.40 0.48
C PHE A 82 -1.88 -7.54 0.61
N THR A 83 -3.04 -7.25 1.11
CA THR A 83 -4.06 -8.33 1.28
C THR A 83 -4.54 -8.87 -0.07
N ASN A 84 -4.75 -8.01 -1.04
CA ASN A 84 -5.23 -8.50 -2.37
C ASN A 84 -4.31 -9.62 -2.88
N CYS A 85 -3.03 -9.41 -2.84
CA CYS A 85 -2.10 -10.48 -3.28
C CYS A 85 -2.30 -11.70 -2.38
N LYS A 86 -2.16 -11.48 -1.10
CA LYS A 86 -2.40 -12.55 -0.12
C LYS A 86 -3.78 -13.18 -0.32
N GLU A 87 -4.67 -12.47 -0.98
CA GLU A 87 -6.05 -13.01 -1.17
C GLU A 87 -6.10 -14.07 -2.28
N TYR A 88 -5.74 -13.72 -3.50
CA TYR A 88 -5.84 -14.71 -4.60
C TYR A 88 -4.58 -15.58 -4.68
N ASN A 89 -3.53 -15.21 -4.01
CA ASN A 89 -2.30 -16.04 -4.06
C ASN A 89 -2.31 -17.07 -2.91
N PRO A 90 -1.89 -18.28 -3.21
CA PRO A 90 -1.88 -19.35 -2.18
C PRO A 90 -0.88 -19.02 -1.07
N PRO A 91 -0.86 -19.86 -0.06
CA PRO A 91 0.06 -19.63 1.08
C PRO A 91 1.52 -19.78 0.66
N GLU A 92 1.78 -20.50 -0.40
CA GLU A 92 3.20 -20.68 -0.84
C GLU A 92 3.42 -20.09 -2.24
N SER A 93 3.92 -18.88 -2.29
CA SER A 93 4.16 -18.23 -3.61
C SER A 93 5.05 -16.99 -3.42
N GLU A 94 5.75 -16.59 -4.44
CA GLU A 94 6.60 -15.38 -4.33
C GLU A 94 5.72 -14.12 -4.18
N TYR A 95 4.57 -14.12 -4.80
CA TYR A 95 3.66 -12.94 -4.68
C TYR A 95 3.38 -12.65 -3.21
N TYR A 96 3.04 -13.64 -2.45
CA TYR A 96 2.77 -13.42 -1.00
C TYR A 96 4.07 -12.99 -0.31
N LYS A 97 5.16 -13.69 -0.55
CA LYS A 97 6.45 -13.30 0.09
C LYS A 97 6.70 -11.80 -0.05
N CYS A 98 7.03 -11.34 -1.23
CA CYS A 98 7.28 -9.88 -1.43
C CYS A 98 6.13 -9.06 -0.84
N ALA A 99 4.92 -9.54 -0.92
CA ALA A 99 3.77 -8.76 -0.37
C ALA A 99 3.84 -8.74 1.16
N ASN A 100 4.31 -9.80 1.75
CA ASN A 100 4.41 -9.84 3.25
C ASN A 100 5.65 -9.08 3.71
N ILE A 101 6.69 -9.09 2.92
CA ILE A 101 7.92 -8.35 3.30
C ILE A 101 7.68 -6.85 3.18
N LEU A 102 7.25 -6.41 2.04
CA LEU A 102 6.97 -4.95 1.86
C LEU A 102 5.85 -4.54 2.83
N GLU A 103 4.84 -5.35 2.98
CA GLU A 103 3.74 -5.01 3.91
C GLU A 103 4.31 -4.80 5.31
N LYS A 104 5.24 -5.61 5.70
CA LYS A 104 5.90 -5.41 7.02
C LYS A 104 6.57 -4.03 7.03
N PHE A 105 7.33 -3.75 6.00
CA PHE A 105 8.00 -2.42 5.90
C PHE A 105 6.96 -1.30 5.95
N PHE A 106 5.88 -1.47 5.24
CA PHE A 106 4.83 -0.41 5.24
C PHE A 106 4.32 -0.16 6.66
N PHE A 107 3.71 -1.15 7.26
CA PHE A 107 3.17 -0.97 8.65
C PHE A 107 4.20 -0.30 9.57
N SER A 108 5.43 -0.73 9.53
CA SER A 108 6.46 -0.09 10.38
C SER A 108 6.57 1.40 10.05
N LYS A 109 6.87 1.71 8.82
CA LYS A 109 6.99 3.14 8.41
C LYS A 109 5.79 3.95 8.92
N ILE A 110 4.60 3.56 8.56
CA ILE A 110 3.41 4.32 9.02
C ILE A 110 3.32 4.30 10.55
N LYS A 111 3.59 3.17 11.15
CA LYS A 111 3.56 3.10 12.63
C LYS A 111 4.41 4.22 13.24
N GLU A 112 5.44 4.62 12.54
CA GLU A 112 6.32 5.71 13.05
C GLU A 112 5.78 7.07 12.66
N ALA A 113 5.05 7.15 11.57
CA ALA A 113 4.49 8.47 11.13
C ALA A 113 3.12 8.71 11.76
N GLY A 114 2.77 7.98 12.78
CA GLY A 114 1.45 8.19 13.43
C GLY A 114 0.34 8.10 12.38
N LEU A 115 0.50 7.26 11.42
CA LEU A 115 -0.54 7.13 10.36
C LEU A 115 -1.50 5.97 10.71
N ILE A 116 -1.84 5.13 9.75
CA ILE A 116 -2.76 3.99 10.03
C ILE A 116 -4.12 4.50 10.50
N ASP A 117 -5.18 3.84 10.09
CA ASP A 117 -6.55 4.29 10.50
C ASP A 117 -7.56 3.17 10.25
N LYS A 118 -7.50 2.53 9.11
CA LYS A 118 -8.44 1.44 8.81
C LYS A 118 -8.02 0.69 7.54
O1 MIB B . -4.96 -6.04 -5.95
CO MIB B . -3.95 -6.62 -6.32
CM MIB B . -2.68 -6.56 -5.48
CA MIB B . -3.99 -7.32 -7.52
CB MIB B . -2.92 -8.02 -8.04
CG MIB B . -3.06 -8.72 -9.32
CD1 MIB B . -4.13 -8.64 -10.14
CD2 MIB B . -2.13 -9.64 -9.97
NE1 MIB B . -3.92 -9.44 -11.25
CN1 MIB B . -4.87 -9.60 -12.37
CE2 MIB B . -2.70 -10.08 -11.18
CE3 MIB B . -0.86 -10.12 -9.61
CZ2 MIB B . -2.03 -10.97 -12.02
CZ3 MIB B . -0.18 -11.02 -10.45
CH2 MIB B . -0.77 -11.45 -11.66
HM1 MIB B . -2.27 -7.55 -5.37
HM2 MIB B . -2.91 -6.16 -4.50
HM3 MIB B . -1.96 -5.92 -5.97
HA MIB B . -4.92 -7.33 -8.07
HB MIB B . -1.97 -8.03 -7.51
HD1 MIB B . -5.02 -8.04 -9.97
HN1 MIB B . -5.02 -8.65 -12.85
HN2 MIB B . -5.82 -9.96 -11.99
HN3 MIB B . -4.47 -10.31 -13.07
HE3 MIB B . -0.40 -9.81 -8.69
HZ2 MIB B . -2.48 -11.30 -12.95
HZ3 MIB B . 0.79 -11.40 -10.17
HH2 MIB B . -0.24 -12.14 -12.29
#